data_8TGP
#
_entry.id   8TGP
#
_cell.length_a   37.138
_cell.length_b   76.995
_cell.length_c   56.005
_cell.angle_alpha   90.000
_cell.angle_beta   97.890
_cell.angle_gamma   90.000
#
_symmetry.space_group_name_H-M   'P 1 21 1'
#
loop_
_entity.id
_entity.type
_entity.pdbx_description
1 polymer 'NAD-dependent protein deacetylase sirtuin-2'
2 polymer 'H4K16(myristoyl) peptide'
3 non-polymer 'ZINC ION'
4 non-polymer 'MYRISTIC ACID'
5 water water
#
loop_
_entity_poly.entity_id
_entity_poly.type
_entity_poly.pdbx_seq_one_letter_code
_entity_poly.pdbx_strand_id
1 'polypeptide(L)'
;GEADMDFLRNLFSQTLSLGSQKERLLDELTLEGVARYMQSERCRRVICLVGAGISTSAGIPDFRSPSTGLYDNLEKYHLP
YPEAIFEISYFKKHPEPFFALAKELYPGQFKPTICHYFMRLLKDKGLLLRCYTQNIDTLERIAGLEQEDLVEAHGTFYTS
HCVSASCRHEYPLSWMKEKIFSEVTPKCEDCQSLVKPDIVFFGESLPARFFSCMQSDFLKVDLLLVMGTSLQVQPFASLI
SKAPLSTPRLLINKEKAGQSDPFLGMIMGLGGGMDFDSKKAYRDVAWLGECDQGCLALAELLGWKKELEDLVRREHASID
AQS
;
A
2 'polypeptide(L)' KGLGKGGAKRHRK B
#
loop_
_chem_comp.id
_chem_comp.type
_chem_comp.name
_chem_comp.formula
MYR non-polymer 'MYRISTIC ACID' 'C14 H28 O2'
ZN non-polymer 'ZINC ION' 'Zn 2'
#
# COMPACT_ATOMS: atom_id res chain seq x y z
N ARG A 24 -13.98 -24.09 -3.68
CA ARG A 24 -13.42 -23.99 -2.33
C ARG A 24 -11.99 -24.56 -2.31
N LEU A 25 -11.01 -23.68 -2.44
CA LEU A 25 -9.61 -24.09 -2.48
C LEU A 25 -8.97 -24.14 -1.09
N LEU A 26 -9.47 -23.39 -0.12
CA LEU A 26 -8.97 -23.48 1.24
C LEU A 26 -9.58 -24.70 1.93
N ASP A 27 -8.77 -25.44 2.68
CA ASP A 27 -9.36 -26.57 3.39
C ASP A 27 -10.00 -26.16 4.70
N GLU A 28 -9.87 -24.90 5.08
CA GLU A 28 -10.30 -24.40 6.36
C GLU A 28 -10.16 -22.89 6.29
N LEU A 29 -11.15 -22.15 6.80
CA LEU A 29 -11.10 -20.69 6.66
C LEU A 29 -10.38 -20.06 7.86
N THR A 30 -9.08 -20.32 7.93
CA THR A 30 -8.20 -19.89 9.02
C THR A 30 -6.87 -19.47 8.42
N LEU A 31 -6.04 -18.81 9.24
CA LEU A 31 -4.66 -18.54 8.82
C LEU A 31 -3.93 -19.83 8.46
N GLU A 32 -4.17 -20.88 9.24
CA GLU A 32 -3.54 -22.17 8.97
C GLU A 32 -3.97 -22.73 7.62
N GLY A 33 -5.24 -22.55 7.26
CA GLY A 33 -5.70 -22.98 5.95
C GLY A 33 -5.06 -22.19 4.82
N VAL A 34 -4.91 -20.88 5.00
CA VAL A 34 -4.24 -20.07 3.98
C VAL A 34 -2.78 -20.50 3.85
N ALA A 35 -2.10 -20.75 4.96
CA ALA A 35 -0.71 -21.19 4.89
C ALA A 35 -0.58 -22.51 4.13
N ARG A 36 -1.46 -23.48 4.42
CA ARG A 36 -1.40 -24.73 3.67
C ARG A 36 -1.66 -24.50 2.19
N TYR A 37 -2.59 -23.61 1.88
CA TYR A 37 -2.88 -23.28 0.50
C TYR A 37 -1.67 -22.64 -0.17
N MET A 38 -0.98 -21.74 0.52
CA MET A 38 0.16 -21.15 -0.15
C MET A 38 1.31 -22.13 -0.34
N GLN A 39 1.37 -23.20 0.44
CA GLN A 39 2.42 -24.18 0.20
C GLN A 39 2.03 -25.18 -0.88
N SER A 40 0.84 -25.09 -1.44
CA SER A 40 0.41 -26.03 -2.45
C SER A 40 0.85 -25.57 -3.83
N GLU A 41 0.85 -26.52 -4.77
CA GLU A 41 1.27 -26.23 -6.14
C GLU A 41 0.38 -25.19 -6.80
N ARG A 42 -0.87 -25.09 -6.36
CA ARG A 42 -1.83 -24.20 -7.00
C ARG A 42 -1.56 -22.72 -6.73
N CYS A 43 -0.87 -22.38 -5.62
CA CYS A 43 -0.71 -20.97 -5.25
C CYS A 43 0.63 -20.48 -5.80
N ARG A 44 0.59 -19.87 -6.98
CA ARG A 44 1.79 -19.34 -7.62
C ARG A 44 1.85 -17.83 -7.72
N ARG A 45 0.72 -17.13 -7.70
CA ARG A 45 0.68 -15.70 -7.98
C ARG A 45 -0.12 -15.02 -6.88
N VAL A 46 0.57 -14.22 -6.05
CA VAL A 46 -0.02 -13.52 -4.91
C VAL A 46 -0.05 -12.04 -5.22
N ILE A 47 -1.20 -11.41 -5.02
CA ILE A 47 -1.32 -9.96 -5.07
C ILE A 47 -1.51 -9.45 -3.66
N CYS A 48 -0.72 -8.47 -3.26
CA CYS A 48 -0.95 -7.79 -1.99
C CYS A 48 -1.66 -6.48 -2.27
N LEU A 49 -2.65 -6.17 -1.44
CA LEU A 49 -3.32 -4.87 -1.41
C LEU A 49 -3.08 -4.28 -0.03
N VAL A 50 -2.40 -3.15 0.04
CA VAL A 50 -1.96 -2.67 1.34
C VAL A 50 -2.33 -1.20 1.49
N GLY A 51 -2.53 -0.80 2.75
CA GLY A 51 -2.85 0.57 3.11
C GLY A 51 -2.14 1.02 4.36
N ALA A 52 -2.68 2.07 5.00
CA ALA A 52 -1.94 2.81 6.02
C ALA A 52 -1.59 1.97 7.24
N GLY A 53 -2.40 0.96 7.57
CA GLY A 53 -2.11 0.06 8.65
C GLY A 53 -0.81 -0.73 8.52
N ILE A 54 -0.23 -0.84 7.33
CA ILE A 54 1.05 -1.53 7.27
C ILE A 54 2.22 -0.61 7.57
N SER A 55 1.98 0.68 7.74
CA SER A 55 3.08 1.61 8.02
C SER A 55 2.97 2.29 9.36
N THR A 56 1.88 2.09 10.11
CA THR A 56 1.77 2.78 11.40
C THR A 56 2.88 2.37 12.34
N SER A 57 3.27 1.08 12.34
CA SER A 57 4.40 0.71 13.19
C SER A 57 5.74 1.28 12.71
N ALA A 58 5.81 1.85 11.50
CA ALA A 58 6.98 2.60 11.04
C ALA A 58 6.91 4.10 11.37
N GLY A 59 5.84 4.55 12.04
CA GLY A 59 5.71 5.95 12.39
C GLY A 59 4.92 6.79 11.40
N ILE A 60 4.47 6.22 10.30
CA ILE A 60 3.67 6.97 9.33
C ILE A 60 2.23 6.96 9.81
N PRO A 61 1.61 8.12 10.02
CA PRO A 61 0.29 8.13 10.64
C PRO A 61 -0.80 7.75 9.65
N ASP A 62 -1.81 7.05 10.17
CA ASP A 62 -3.01 6.75 9.42
C ASP A 62 -4.02 7.84 9.76
N PHE A 63 -4.50 8.55 8.74
CA PHE A 63 -5.40 9.69 8.96
C PHE A 63 -6.81 9.27 9.36
N ARG A 64 -6.90 8.28 10.25
CA ARG A 64 -8.18 7.77 10.73
C ARG A 64 -8.13 7.58 12.24
N TYR A 81 -13.02 23.75 5.27
CA TYR A 81 -13.32 22.52 5.98
C TYR A 81 -12.08 21.60 5.99
N PRO A 82 -12.02 20.64 6.93
CA PRO A 82 -10.73 19.97 7.21
C PRO A 82 -10.32 18.89 6.21
N GLU A 83 -11.24 18.31 5.43
CA GLU A 83 -10.83 17.32 4.45
C GLU A 83 -10.29 17.93 3.16
N ALA A 84 -10.30 19.26 3.04
CA ALA A 84 -9.81 19.91 1.82
C ALA A 84 -8.29 19.85 1.70
N ILE A 85 -7.58 19.61 2.81
CA ILE A 85 -6.12 19.63 2.81
C ILE A 85 -5.54 18.53 1.94
N PHE A 86 -6.34 17.53 1.57
CA PHE A 86 -5.89 16.46 0.69
C PHE A 86 -6.71 16.39 -0.59
N GLU A 87 -7.54 17.39 -0.86
CA GLU A 87 -8.34 17.41 -2.07
C GLU A 87 -7.68 18.37 -3.05
N ILE A 88 -7.66 17.97 -4.33
CA ILE A 88 -6.83 18.68 -5.31
C ILE A 88 -7.36 20.07 -5.59
N SER A 89 -8.68 20.29 -5.48
CA SER A 89 -9.24 21.60 -5.78
C SER A 89 -8.72 22.66 -4.81
N TYR A 90 -8.68 22.33 -3.52
CA TYR A 90 -8.13 23.28 -2.56
C TYR A 90 -6.62 23.42 -2.72
N PHE A 91 -5.91 22.29 -2.92
CA PHE A 91 -4.46 22.36 -3.10
C PHE A 91 -4.07 23.31 -4.22
N LYS A 92 -4.83 23.27 -5.32
CA LYS A 92 -4.62 24.21 -6.42
C LYS A 92 -4.80 25.66 -5.96
N LYS A 93 -5.79 25.90 -5.09
CA LYS A 93 -6.04 27.26 -4.63
C LYS A 93 -4.96 27.72 -3.64
N HIS A 94 -4.64 26.88 -2.66
CA HIS A 94 -3.63 27.22 -1.66
C HIS A 94 -2.84 25.97 -1.31
N PRO A 95 -1.63 25.82 -1.87
CA PRO A 95 -0.80 24.65 -1.56
C PRO A 95 -0.03 24.75 -0.25
N GLU A 96 0.07 25.94 0.33
CA GLU A 96 0.86 26.14 1.55
C GLU A 96 0.43 25.29 2.73
N PRO A 97 -0.86 25.08 3.00
CA PRO A 97 -1.21 24.27 4.17
C PRO A 97 -0.82 22.81 4.03
N PHE A 98 -0.88 22.26 2.80
CA PHE A 98 -0.41 20.89 2.59
C PHE A 98 1.08 20.77 2.90
N PHE A 99 1.89 21.71 2.40
CA PHE A 99 3.33 21.62 2.65
C PHE A 99 3.67 21.92 4.11
N ALA A 100 2.86 22.75 4.77
CA ALA A 100 3.03 22.91 6.22
C ALA A 100 2.69 21.62 6.96
N LEU A 101 1.60 20.96 6.58
CA LEU A 101 1.24 19.68 7.17
C LEU A 101 2.29 18.63 6.87
N ALA A 102 2.86 18.64 5.66
CA ALA A 102 3.87 17.64 5.29
C ALA A 102 5.11 17.75 6.17
N LYS A 103 5.50 18.97 6.53
CA LYS A 103 6.64 19.13 7.43
C LYS A 103 6.34 18.56 8.81
N GLU A 104 5.15 18.83 9.34
CA GLU A 104 4.79 18.35 10.67
C GLU A 104 4.68 16.84 10.71
N LEU A 105 4.35 16.20 9.58
CA LEU A 105 4.15 14.75 9.55
C LEU A 105 5.26 13.99 8.83
N TYR A 106 6.32 14.65 8.39
CA TYR A 106 7.42 13.95 7.75
C TYR A 106 8.05 13.00 8.77
N PRO A 107 8.24 11.73 8.44
CA PRO A 107 8.83 10.79 9.40
C PRO A 107 10.30 11.07 9.62
N GLY A 108 10.77 10.77 10.84
CA GLY A 108 12.17 11.00 11.17
C GLY A 108 13.13 10.05 10.49
N GLN A 109 12.66 8.87 10.11
CA GLN A 109 13.49 7.84 9.50
C GLN A 109 12.57 6.94 8.68
N PHE A 110 13.11 6.28 7.65
CA PHE A 110 12.30 5.43 6.76
C PHE A 110 12.72 3.98 6.96
N LYS A 111 12.07 3.31 7.89
CA LYS A 111 12.42 1.96 8.27
C LYS A 111 11.21 1.07 8.01
N PRO A 112 11.21 0.24 6.97
CA PRO A 112 10.03 -0.59 6.67
C PRO A 112 9.71 -1.57 7.79
N THR A 113 8.46 -1.99 7.83
CA THR A 113 7.97 -2.84 8.91
C THR A 113 8.12 -4.30 8.56
N ILE A 114 7.82 -5.13 9.57
CA ILE A 114 7.80 -6.58 9.34
C ILE A 114 6.90 -6.94 8.16
N CYS A 115 5.76 -6.28 8.07
CA CYS A 115 4.83 -6.49 6.96
CA CYS A 115 4.84 -6.50 6.96
C CYS A 115 5.50 -6.19 5.63
N HIS A 116 6.22 -5.07 5.55
CA HIS A 116 6.90 -4.74 4.30
C HIS A 116 7.92 -5.81 3.95
N TYR A 117 8.67 -6.30 4.95
CA TYR A 117 9.65 -7.32 4.66
C TYR A 117 9.02 -8.70 4.41
N PHE A 118 7.78 -8.93 4.89
CA PHE A 118 7.07 -10.15 4.47
C PHE A 118 6.82 -10.11 2.97
N MET A 119 6.47 -8.93 2.46
CA MET A 119 6.26 -8.83 1.02
C MET A 119 7.58 -9.00 0.27
N ARG A 120 8.68 -8.50 0.85
CA ARG A 120 10.01 -8.76 0.27
C ARG A 120 10.29 -10.27 0.17
N LEU A 121 9.88 -11.06 1.18
CA LEU A 121 10.05 -12.52 1.10
C LEU A 121 9.19 -13.11 -0.02
N LEU A 122 7.94 -12.65 -0.17
CA LEU A 122 7.10 -13.07 -1.29
C LEU A 122 7.79 -12.83 -2.63
N LYS A 123 8.34 -11.63 -2.82
CA LYS A 123 9.07 -11.33 -4.06
C LYS A 123 10.25 -12.29 -4.25
N ASP A 124 11.05 -12.47 -3.20
CA ASP A 124 12.28 -13.24 -3.31
C ASP A 124 12.00 -14.71 -3.52
N LYS A 125 10.84 -15.19 -3.06
CA LYS A 125 10.45 -16.55 -3.27
C LYS A 125 9.63 -16.74 -4.53
N GLY A 126 9.51 -15.69 -5.35
CA GLY A 126 8.85 -15.80 -6.64
C GLY A 126 7.35 -15.87 -6.59
N LEU A 127 6.73 -15.46 -5.48
CA LEU A 127 5.28 -15.55 -5.33
C LEU A 127 4.56 -14.24 -5.60
N LEU A 128 5.28 -13.12 -5.61
CA LEU A 128 4.65 -11.80 -5.66
C LEU A 128 4.35 -11.42 -7.10
N LEU A 129 3.07 -11.47 -7.48
CA LEU A 129 2.68 -10.91 -8.77
C LEU A 129 2.74 -9.39 -8.73
N ARG A 130 2.20 -8.78 -7.69
CA ARG A 130 2.11 -7.34 -7.59
C ARG A 130 1.68 -6.93 -6.17
N CYS A 131 2.21 -5.80 -5.73
CA CYS A 131 1.74 -5.11 -4.53
C CYS A 131 1.09 -3.80 -4.98
N TYR A 132 -0.21 -3.71 -4.77
CA TYR A 132 -0.93 -2.46 -4.93
C TYR A 132 -0.96 -1.75 -3.59
N THR A 133 -0.40 -0.54 -3.53
CA THR A 133 -0.37 0.18 -2.28
C THR A 133 -1.17 1.48 -2.38
N GLN A 134 -1.91 1.79 -1.31
CA GLN A 134 -2.52 3.11 -1.14
C GLN A 134 -1.53 4.11 -0.54
N ASN A 135 -0.36 3.65 -0.11
CA ASN A 135 0.55 4.47 0.68
C ASN A 135 1.49 5.26 -0.21
N ILE A 136 1.87 6.44 0.28
CA ILE A 136 2.78 7.31 -0.45
C ILE A 136 4.17 7.33 0.17
N ASP A 137 4.44 6.48 1.18
CA ASP A 137 5.60 6.66 2.05
C ASP A 137 6.90 6.00 1.57
N THR A 138 6.90 5.32 0.43
CA THR A 138 8.06 4.72 -0.24
C THR A 138 8.60 3.50 0.49
N LEU A 139 7.96 3.04 1.56
CA LEU A 139 8.57 1.99 2.36
C LEU A 139 8.61 0.67 1.60
N GLU A 140 7.68 0.44 0.65
CA GLU A 140 7.75 -0.77 -0.16
C GLU A 140 9.05 -0.80 -0.95
N ARG A 141 9.44 0.35 -1.54
CA ARG A 141 10.68 0.42 -2.30
C ARG A 141 11.88 0.20 -1.39
N ILE A 142 11.88 0.81 -0.21
CA ILE A 142 13.01 0.65 0.70
C ILE A 142 13.15 -0.79 1.15
N ALA A 143 12.01 -1.48 1.33
CA ALA A 143 12.02 -2.90 1.68
C ALA A 143 12.53 -3.77 0.54
N GLY A 144 12.70 -3.21 -0.65
CA GLY A 144 13.24 -3.95 -1.76
C GLY A 144 12.26 -4.36 -2.83
N LEU A 145 11.02 -3.89 -2.79
CA LEU A 145 10.14 -4.08 -3.95
C LEU A 145 10.57 -3.13 -5.06
N GLU A 146 10.61 -3.64 -6.29
CA GLU A 146 11.04 -2.81 -7.42
C GLU A 146 9.82 -2.19 -8.12
N GLN A 147 10.08 -1.19 -8.97
CA GLN A 147 8.94 -0.52 -9.58
C GLN A 147 8.06 -1.51 -10.34
N GLU A 148 8.66 -2.55 -10.92
CA GLU A 148 7.85 -3.54 -11.63
C GLU A 148 6.91 -4.27 -10.68
N ASP A 149 7.30 -4.42 -9.41
CA ASP A 149 6.54 -5.14 -8.40
C ASP A 149 5.36 -4.32 -7.88
N LEU A 150 5.37 -3.01 -8.10
CA LEU A 150 4.53 -2.08 -7.36
C LEU A 150 3.53 -1.39 -8.27
N VAL A 151 2.32 -1.26 -7.77
CA VAL A 151 1.40 -0.28 -8.28
C VAL A 151 1.16 0.69 -7.14
N GLU A 152 1.76 1.88 -7.24
CA GLU A 152 1.54 2.92 -6.25
C GLU A 152 0.25 3.64 -6.66
N ALA A 153 -0.88 3.13 -6.16
CA ALA A 153 -2.19 3.58 -6.65
C ALA A 153 -2.45 5.04 -6.32
N HIS A 154 -1.84 5.57 -5.26
CA HIS A 154 -2.06 6.95 -4.84
C HIS A 154 -0.82 7.80 -5.00
N GLY A 155 0.10 7.39 -5.84
CA GLY A 155 1.31 8.15 -6.05
C GLY A 155 2.35 7.86 -4.99
N THR A 156 3.31 8.77 -4.91
CA THR A 156 4.47 8.56 -4.05
C THR A 156 5.15 9.90 -3.84
N PHE A 157 5.79 10.05 -2.68
CA PHE A 157 6.72 11.15 -2.43
C PHE A 157 8.11 10.87 -3.00
N TYR A 158 8.36 9.67 -3.52
CA TYR A 158 9.71 9.31 -3.96
C TYR A 158 10.21 10.30 -5.01
N THR A 159 9.31 10.79 -5.85
CA THR A 159 9.62 11.79 -6.85
C THR A 159 8.57 12.89 -6.85
N SER A 160 9.01 14.07 -7.28
CA SER A 160 8.18 15.25 -7.41
C SER A 160 8.37 15.86 -8.80
N HIS A 161 7.35 16.57 -9.28
CA HIS A 161 7.46 17.22 -10.58
C HIS A 161 6.94 18.65 -10.54
N CYS A 162 7.64 19.51 -11.26
CA CYS A 162 7.08 20.78 -11.67
C CYS A 162 5.70 20.58 -12.30
N VAL A 163 4.73 21.42 -11.91
CA VAL A 163 3.36 21.28 -12.40
C VAL A 163 3.14 21.90 -13.76
N SER A 164 4.09 22.65 -14.28
CA SER A 164 3.87 23.32 -15.57
C SER A 164 3.94 22.30 -16.71
N ALA A 165 2.86 22.23 -17.49
CA ALA A 165 2.74 21.25 -18.56
C ALA A 165 3.94 21.26 -19.49
N SER A 166 4.50 22.45 -19.78
CA SER A 166 5.59 22.55 -20.73
C SER A 166 6.97 22.24 -20.12
N CYS A 167 7.06 22.01 -18.81
CA CYS A 167 8.35 21.84 -18.14
C CYS A 167 8.46 20.48 -17.47
N ARG A 168 7.68 20.23 -16.40
CA ARG A 168 7.58 18.91 -15.78
C ARG A 168 8.95 18.36 -15.33
N HIS A 169 9.83 19.26 -14.91
CA HIS A 169 11.12 18.89 -14.34
C HIS A 169 10.91 18.03 -13.09
N GLU A 170 11.68 16.94 -12.98
CA GLU A 170 11.55 15.98 -11.89
C GLU A 170 12.52 16.31 -10.76
N TYR A 171 12.08 16.13 -9.51
CA TYR A 171 12.93 16.41 -8.34
C TYR A 171 12.92 15.23 -7.38
N PRO A 172 14.06 14.94 -6.75
CA PRO A 172 14.13 13.81 -5.82
C PRO A 172 13.59 14.19 -4.45
N LEU A 173 13.31 13.15 -3.65
CA LEU A 173 12.74 13.41 -2.32
C LEU A 173 13.69 14.24 -1.46
N SER A 174 15.00 14.07 -1.65
CA SER A 174 16.00 14.88 -0.96
C SER A 174 15.71 16.37 -1.14
N TRP A 175 15.43 16.77 -2.39
CA TRP A 175 15.17 18.17 -2.71
C TRP A 175 13.83 18.61 -2.13
N MET A 176 12.79 17.78 -2.34
CA MET A 176 11.48 18.04 -1.74
C MET A 176 11.55 18.16 -0.23
N LYS A 177 12.32 17.28 0.44
CA LYS A 177 12.40 17.34 1.89
C LYS A 177 12.97 18.68 2.36
N GLU A 178 14.02 19.19 1.71
CA GLU A 178 14.61 20.43 2.19
C GLU A 178 13.71 21.64 1.96
N LYS A 179 12.93 21.66 0.88
CA LYS A 179 11.97 22.74 0.69
C LYS A 179 10.85 22.66 1.71
N ILE A 180 10.38 21.45 2.02
CA ILE A 180 9.37 21.27 3.05
C ILE A 180 9.91 21.74 4.41
N PHE A 181 11.14 21.38 4.73
CA PHE A 181 11.66 21.67 6.07
C PHE A 181 12.15 23.10 6.21
N SER A 182 12.45 23.77 5.10
CA SER A 182 12.78 25.19 5.12
C SER A 182 11.54 26.06 5.19
N GLU A 183 10.35 25.46 5.19
CA GLU A 183 9.08 26.19 5.15
C GLU A 183 9.01 27.10 3.93
N VAL A 184 9.60 26.64 2.82
CA VAL A 184 9.60 27.34 1.54
C VAL A 184 8.75 26.52 0.58
N THR A 185 7.72 27.15 0.03
CA THR A 185 6.89 26.46 -0.96
C THR A 185 7.75 26.07 -2.16
N PRO A 186 7.86 24.79 -2.48
CA PRO A 186 8.83 24.35 -3.49
C PRO A 186 8.50 24.91 -4.86
N LYS A 187 9.47 25.57 -5.46
CA LYS A 187 9.32 26.11 -6.80
C LYS A 187 10.38 25.51 -7.71
N CYS A 188 10.01 25.36 -8.98
CA CYS A 188 10.89 24.82 -9.99
C CYS A 188 12.07 25.76 -10.27
N GLU A 189 13.28 25.18 -10.35
CA GLU A 189 14.46 25.99 -10.64
C GLU A 189 14.56 26.37 -12.12
N ASP A 190 13.83 25.69 -13.00
CA ASP A 190 13.83 26.00 -14.43
C ASP A 190 12.76 27.03 -14.81
N CYS A 191 11.58 27.01 -14.16
CA CYS A 191 10.49 27.90 -14.57
C CYS A 191 9.73 28.55 -13.43
N GLN A 192 10.05 28.23 -12.18
CA GLN A 192 9.49 28.85 -10.98
C GLN A 192 8.03 28.48 -10.75
N SER A 193 7.51 27.49 -11.47
CA SER A 193 6.20 26.94 -11.15
C SER A 193 6.28 26.13 -9.86
N LEU A 194 5.11 25.77 -9.34
CA LEU A 194 5.06 24.89 -8.18
C LEU A 194 5.60 23.51 -8.52
N VAL A 195 6.34 22.92 -7.58
CA VAL A 195 6.75 21.52 -7.67
C VAL A 195 5.92 20.73 -6.67
N LYS A 196 5.31 19.66 -7.15
CA LYS A 196 4.34 18.90 -6.39
C LYS A 196 4.85 17.47 -6.25
N PRO A 197 4.80 16.88 -5.06
CA PRO A 197 5.13 15.46 -4.93
C PRO A 197 4.20 14.62 -5.79
N ASP A 198 4.70 13.47 -6.24
CA ASP A 198 3.96 12.69 -7.23
C ASP A 198 2.82 11.90 -6.59
N ILE A 199 2.03 12.53 -5.75
CA ILE A 199 0.95 11.84 -5.06
C ILE A 199 -0.37 12.16 -5.77
N VAL A 200 -1.33 11.26 -5.60
CA VAL A 200 -2.69 11.43 -6.13
C VAL A 200 -3.52 12.08 -5.03
N PHE A 201 -3.95 13.31 -5.27
CA PHE A 201 -4.85 13.96 -4.33
C PHE A 201 -6.26 13.41 -4.50
N PHE A 202 -7.05 13.54 -3.44
CA PHE A 202 -8.46 13.22 -3.53
C PHE A 202 -9.12 14.09 -4.60
N GLY A 203 -9.93 13.47 -5.45
CA GLY A 203 -10.49 14.13 -6.60
C GLY A 203 -9.67 13.99 -7.87
N GLU A 204 -8.43 13.54 -7.77
CA GLU A 204 -7.62 13.30 -8.95
C GLU A 204 -7.85 11.88 -9.44
N SER A 205 -7.64 11.68 -10.74
CA SER A 205 -7.66 10.35 -11.30
C SER A 205 -6.46 9.56 -10.81
N LEU A 206 -6.66 8.25 -10.60
CA LEU A 206 -5.53 7.39 -10.28
C LEU A 206 -4.63 7.26 -11.52
N PRO A 207 -3.38 6.82 -11.33
CA PRO A 207 -2.44 6.71 -12.46
C PRO A 207 -2.91 5.70 -13.49
N ALA A 208 -2.47 5.90 -14.73
CA ALA A 208 -2.84 5.00 -15.82
C ALA A 208 -2.36 3.57 -15.55
N ARG A 209 -1.21 3.44 -14.90
CA ARG A 209 -0.63 2.12 -14.62
C ARG A 209 -1.52 1.31 -13.68
N PHE A 210 -2.25 1.98 -12.78
CA PHE A 210 -3.18 1.27 -11.91
C PHE A 210 -4.22 0.49 -12.73
N PHE A 211 -4.78 1.10 -13.77
CA PHE A 211 -5.83 0.43 -14.52
C PHE A 211 -5.27 -0.60 -15.49
N SER A 212 -4.11 -0.34 -16.08
CA SER A 212 -3.53 -1.31 -17.01
C SER A 212 -3.02 -2.55 -16.28
N CYS A 213 -2.42 -2.38 -15.11
CA CYS A 213 -2.02 -3.55 -14.33
C CYS A 213 -3.24 -4.32 -13.84
N MET A 214 -4.26 -3.62 -13.32
CA MET A 214 -5.36 -4.37 -12.72
C MET A 214 -6.11 -5.19 -13.77
N GLN A 215 -6.20 -4.68 -15.01
CA GLN A 215 -6.85 -5.40 -16.10
C GLN A 215 -6.16 -6.72 -16.41
N SER A 216 -4.85 -6.80 -16.18
CA SER A 216 -4.14 -8.05 -16.47
C SER A 216 -3.92 -8.89 -15.22
N ASP A 217 -3.51 -8.27 -14.11
CA ASP A 217 -3.13 -9.01 -12.91
C ASP A 217 -4.26 -9.89 -12.39
N PHE A 218 -5.48 -9.37 -12.38
CA PHE A 218 -6.54 -10.06 -11.68
C PHE A 218 -7.17 -11.17 -12.50
N LEU A 219 -6.72 -11.35 -13.75
CA LEU A 219 -7.09 -12.51 -14.53
C LEU A 219 -6.50 -13.78 -13.95
N LYS A 220 -5.32 -13.67 -13.34
CA LYS A 220 -4.48 -14.82 -13.01
C LYS A 220 -3.93 -14.74 -11.59
N VAL A 221 -4.73 -14.37 -10.61
CA VAL A 221 -4.26 -14.24 -9.24
C VAL A 221 -4.68 -15.48 -8.44
N ASP A 222 -3.76 -16.06 -7.69
CA ASP A 222 -4.08 -17.24 -6.88
C ASP A 222 -4.49 -16.92 -5.45
N LEU A 223 -4.11 -15.74 -4.94
CA LEU A 223 -4.33 -15.38 -3.54
C LEU A 223 -4.24 -13.87 -3.43
N LEU A 224 -5.21 -13.27 -2.75
CA LEU A 224 -5.18 -11.85 -2.43
C LEU A 224 -4.83 -11.72 -0.95
N LEU A 225 -3.78 -10.96 -0.66
CA LEU A 225 -3.45 -10.62 0.73
C LEU A 225 -3.77 -9.16 0.93
N VAL A 226 -4.75 -8.87 1.76
CA VAL A 226 -5.25 -7.52 1.96
C VAL A 226 -4.81 -7.11 3.36
N MET A 227 -3.90 -6.16 3.49
CA MET A 227 -3.24 -5.88 4.76
C MET A 227 -3.33 -4.39 5.10
N GLY A 228 -3.86 -4.07 6.27
CA GLY A 228 -3.78 -2.70 6.74
C GLY A 228 -4.64 -1.71 6.00
N THR A 229 -5.72 -2.16 5.39
CA THR A 229 -6.65 -1.24 4.75
C THR A 229 -8.07 -1.63 5.12
N SER A 230 -8.91 -0.61 5.34
CA SER A 230 -10.32 -0.86 5.57
C SER A 230 -11.13 -0.68 4.31
N LEU A 231 -10.47 -0.51 3.16
CA LEU A 231 -11.14 -0.58 1.85
C LEU A 231 -12.24 0.47 1.74
N GLN A 232 -11.97 1.65 2.29
CA GLN A 232 -12.87 2.80 2.21
C GLN A 232 -12.55 3.78 1.10
N VAL A 233 -11.44 3.62 0.38
CA VAL A 233 -11.02 4.56 -0.67
C VAL A 233 -11.22 3.91 -2.02
N GLN A 234 -11.98 4.58 -2.90
CA GLN A 234 -12.21 4.09 -4.24
C GLN A 234 -11.38 4.88 -5.26
N PRO A 235 -11.05 4.30 -6.42
CA PRO A 235 -11.42 2.94 -6.88
C PRO A 235 -10.54 1.84 -6.30
N PHE A 236 -9.59 2.14 -5.40
CA PHE A 236 -8.69 1.10 -4.91
C PHE A 236 -9.48 -0.06 -4.30
N ALA A 237 -10.45 0.25 -3.45
CA ALA A 237 -11.17 -0.81 -2.73
C ALA A 237 -11.86 -1.78 -3.68
N SER A 238 -12.28 -1.32 -4.86
CA SER A 238 -12.96 -2.23 -5.78
C SER A 238 -12.06 -3.35 -6.29
N LEU A 239 -10.73 -3.25 -6.09
CA LEU A 239 -9.81 -4.31 -6.52
C LEU A 239 -10.20 -5.69 -5.98
N ILE A 240 -10.79 -5.76 -4.78
CA ILE A 240 -11.05 -7.08 -4.24
C ILE A 240 -12.10 -7.80 -5.06
N SER A 241 -13.01 -7.05 -5.69
CA SER A 241 -14.05 -7.69 -6.50
C SER A 241 -13.56 -8.06 -7.89
N LYS A 242 -12.31 -7.75 -8.24
CA LYS A 242 -11.77 -8.07 -9.56
C LYS A 242 -11.14 -9.46 -9.64
N ALA A 243 -10.85 -10.10 -8.51
CA ALA A 243 -10.27 -11.42 -8.51
C ALA A 243 -11.28 -12.45 -8.97
N PRO A 244 -10.82 -13.58 -9.52
CA PRO A 244 -11.74 -14.70 -9.77
C PRO A 244 -12.42 -15.10 -8.48
N LEU A 245 -13.68 -15.53 -8.62
CA LEU A 245 -14.47 -15.91 -7.46
C LEU A 245 -13.84 -17.07 -6.69
N SER A 246 -12.89 -17.82 -7.27
CA SER A 246 -12.30 -18.93 -6.53
C SER A 246 -11.04 -18.55 -5.78
N THR A 247 -10.53 -17.33 -5.98
CA THR A 247 -9.29 -16.93 -5.37
C THR A 247 -9.48 -16.64 -3.89
N PRO A 248 -8.75 -17.32 -3.00
CA PRO A 248 -8.84 -16.98 -1.56
C PRO A 248 -8.33 -15.57 -1.27
N ARG A 249 -8.95 -14.95 -0.25
CA ARG A 249 -8.61 -13.60 0.16
C ARG A 249 -8.43 -13.57 1.67
N LEU A 250 -7.21 -13.25 2.10
CA LEU A 250 -6.89 -13.09 3.52
C LEU A 250 -6.82 -11.59 3.84
N LEU A 251 -7.62 -11.16 4.81
CA LEU A 251 -7.53 -9.79 5.33
C LEU A 251 -6.75 -9.83 6.63
N ILE A 252 -5.64 -9.08 6.69
CA ILE A 252 -4.94 -8.86 7.96
C ILE A 252 -5.11 -7.38 8.31
N ASN A 253 -5.88 -7.11 9.38
CA ASN A 253 -6.34 -5.75 9.66
C ASN A 253 -6.89 -5.67 11.08
N LYS A 254 -7.01 -4.45 11.60
CA LYS A 254 -7.53 -4.36 12.96
C LYS A 254 -9.02 -4.66 13.02
N GLU A 255 -9.74 -4.49 11.93
CA GLU A 255 -11.19 -4.67 11.91
C GLU A 255 -11.57 -5.41 10.64
N LYS A 256 -12.69 -6.10 10.67
CA LYS A 256 -13.20 -6.69 9.44
C LYS A 256 -13.60 -5.56 8.50
N ALA A 257 -13.26 -5.71 7.22
CA ALA A 257 -13.54 -4.67 6.24
C ALA A 257 -13.89 -5.33 4.92
N GLY A 258 -14.49 -4.56 4.02
CA GLY A 258 -14.77 -5.05 2.68
C GLY A 258 -16.03 -5.88 2.56
N GLN A 259 -16.77 -6.05 3.64
CA GLN A 259 -18.07 -6.68 3.54
C GLN A 259 -19.04 -5.70 2.88
N SER A 260 -19.95 -6.25 2.09
CA SER A 260 -20.92 -5.40 1.42
C SER A 260 -21.82 -4.74 2.47
N ASP A 261 -22.17 -3.48 2.20
CA ASP A 261 -23.00 -2.68 3.09
C ASP A 261 -24.45 -3.14 2.97
N PRO A 262 -25.16 -3.29 4.09
CA PRO A 262 -26.56 -3.74 4.00
C PRO A 262 -27.48 -2.73 3.34
N PHE A 263 -27.10 -1.46 3.25
CA PHE A 263 -27.92 -0.48 2.56
C PHE A 263 -27.44 -0.20 1.15
N LEU A 264 -26.13 -0.09 0.94
CA LEU A 264 -25.56 0.16 -0.38
C LEU A 264 -25.22 -1.15 -1.09
N GLY A 272 -19.26 -8.63 -4.83
CA GLY A 272 -17.87 -9.06 -4.71
C GLY A 272 -17.31 -8.84 -3.31
N GLY A 273 -18.22 -8.52 -2.38
CA GLY A 273 -17.81 -8.21 -1.02
C GLY A 273 -17.19 -9.39 -0.28
N MET A 274 -16.44 -9.06 0.78
CA MET A 274 -15.85 -10.08 1.63
C MET A 274 -16.94 -10.83 2.38
N ASP A 275 -16.84 -12.15 2.44
CA ASP A 275 -17.78 -12.94 3.25
C ASP A 275 -16.95 -13.85 4.16
N PHE A 276 -16.75 -13.41 5.40
CA PHE A 276 -15.98 -14.16 6.39
C PHE A 276 -16.84 -15.15 7.17
N ASP A 277 -18.06 -14.75 7.53
CA ASP A 277 -18.79 -15.40 8.62
C ASP A 277 -20.16 -15.97 8.26
N SER A 278 -20.61 -15.87 7.02
CA SER A 278 -21.90 -16.46 6.69
C SER A 278 -21.77 -17.96 6.47
N LYS A 279 -22.92 -18.65 6.43
CA LYS A 279 -22.93 -20.07 6.09
C LYS A 279 -22.44 -20.33 4.67
N LYS A 280 -22.45 -19.31 3.81
CA LYS A 280 -21.91 -19.45 2.46
C LYS A 280 -20.44 -19.04 2.35
N ALA A 281 -19.83 -18.55 3.43
CA ALA A 281 -18.42 -18.18 3.36
C ALA A 281 -17.58 -19.39 2.93
N TYR A 282 -16.71 -19.18 1.94
CA TYR A 282 -15.95 -20.27 1.35
C TYR A 282 -14.50 -19.92 1.03
N ARG A 283 -14.10 -18.65 1.07
CA ARG A 283 -12.76 -18.31 0.60
C ARG A 283 -12.11 -17.12 1.30
N ASP A 284 -12.85 -16.39 2.12
CA ASP A 284 -12.32 -15.21 2.76
C ASP A 284 -12.01 -15.50 4.21
N VAL A 285 -10.85 -15.03 4.66
CA VAL A 285 -10.37 -15.20 6.02
C VAL A 285 -10.00 -13.84 6.59
N ALA A 286 -10.41 -13.58 7.83
CA ALA A 286 -10.03 -12.37 8.54
C ALA A 286 -9.14 -12.73 9.72
N TRP A 287 -7.93 -12.18 9.73
CA TRP A 287 -7.05 -12.23 10.90
C TRP A 287 -7.01 -10.82 11.46
N LEU A 288 -7.50 -10.65 12.69
CA LEU A 288 -7.76 -9.34 13.28
C LEU A 288 -6.66 -9.00 14.28
N GLY A 289 -5.87 -7.99 13.95
CA GLY A 289 -4.80 -7.53 14.81
C GLY A 289 -3.87 -6.63 14.03
N GLU A 290 -2.69 -6.43 14.57
CA GLU A 290 -1.73 -5.54 13.94
C GLU A 290 -1.12 -6.26 12.75
N CYS A 291 -0.84 -5.51 11.69
CA CYS A 291 -0.31 -6.15 10.48
C CYS A 291 0.99 -6.90 10.77
N ASP A 292 1.88 -6.31 11.58
CA ASP A 292 3.16 -6.96 11.87
C ASP A 292 2.97 -8.33 12.48
N GLN A 293 2.08 -8.41 13.47
CA GLN A 293 1.83 -9.67 14.18
C GLN A 293 1.16 -10.68 13.26
N GLY A 294 0.24 -10.23 12.40
CA GLY A 294 -0.40 -11.15 11.48
C GLY A 294 0.60 -11.73 10.49
N CYS A 295 1.49 -10.88 9.95
CA CYS A 295 2.48 -11.38 9.00
C CYS A 295 3.50 -12.27 9.67
N LEU A 296 3.85 -11.97 10.94
CA LEU A 296 4.75 -12.84 11.67
C LEU A 296 4.11 -14.21 11.89
N ALA A 297 2.81 -14.22 12.20
CA ALA A 297 2.10 -15.50 12.39
C ALA A 297 2.07 -16.31 11.11
N LEU A 298 1.77 -15.66 9.99
CA LEU A 298 1.71 -16.39 8.72
C LEU A 298 3.10 -16.90 8.33
N ALA A 299 4.14 -16.06 8.48
CA ALA A 299 5.51 -16.50 8.25
C ALA A 299 5.86 -17.72 9.05
N GLU A 300 5.48 -17.74 10.33
CA GLU A 300 5.83 -18.89 11.15
C GLU A 300 5.18 -20.15 10.60
N LEU A 301 3.92 -20.05 10.19
CA LEU A 301 3.22 -21.24 9.67
C LEU A 301 3.89 -21.74 8.39
N LEU A 302 4.44 -20.82 7.60
CA LEU A 302 5.12 -21.14 6.35
C LEU A 302 6.55 -21.63 6.56
N GLY A 303 7.07 -21.62 7.80
CA GLY A 303 8.47 -21.96 7.97
C GLY A 303 9.43 -20.86 7.59
N TRP A 304 8.97 -19.62 7.56
CA TRP A 304 9.77 -18.46 7.17
C TRP A 304 10.13 -17.56 8.35
N LYS A 305 9.79 -17.96 9.57
CA LYS A 305 9.91 -17.01 10.69
C LYS A 305 11.36 -16.58 10.90
N LYS A 306 12.29 -17.53 10.98
CA LYS A 306 13.70 -17.21 11.12
C LYS A 306 14.19 -16.36 9.96
N GLU A 307 13.77 -16.71 8.74
CA GLU A 307 14.19 -15.93 7.57
C GLU A 307 13.69 -14.50 7.66
N LEU A 308 12.43 -14.33 8.08
CA LEU A 308 11.87 -12.99 8.19
C LEU A 308 12.56 -12.20 9.31
N GLU A 309 12.76 -12.82 10.48
CA GLU A 309 13.42 -12.12 11.57
C GLU A 309 14.83 -11.68 11.18
N ASP A 310 15.59 -12.56 10.52
CA ASP A 310 16.96 -12.25 10.13
C ASP A 310 16.99 -11.10 9.14
N LEU A 311 16.05 -11.10 8.18
CA LEU A 311 15.99 -10.07 7.16
C LEU A 311 15.67 -8.70 7.76
N VAL A 312 14.63 -8.66 8.63
CA VAL A 312 14.25 -7.39 9.26
C VAL A 312 15.40 -6.84 10.09
N ARG A 313 16.01 -7.70 10.91
CA ARG A 313 17.08 -7.22 11.80
C ARG A 313 18.25 -6.69 10.99
N ARG A 314 18.64 -7.38 9.92
CA ARG A 314 19.79 -6.97 9.13
C ARG A 314 19.50 -5.68 8.37
N GLU A 315 18.33 -5.62 7.74
CA GLU A 315 17.95 -4.41 7.01
C GLU A 315 17.83 -3.22 7.95
N HIS A 316 17.20 -3.43 9.11
CA HIS A 316 17.08 -2.35 10.07
C HIS A 316 18.45 -1.90 10.57
N ALA A 317 19.35 -2.85 10.82
CA ALA A 317 20.70 -2.49 11.28
C ALA A 317 21.42 -1.67 10.22
N SER A 318 21.23 -2.04 8.96
CA SER A 318 21.86 -1.31 7.87
C SER A 318 21.32 0.11 7.76
N ILE A 319 20.01 0.25 7.85
CA ILE A 319 19.39 1.58 7.81
C ILE A 319 19.87 2.41 9.00
N ASP A 320 19.84 1.83 10.21
CA ASP A 320 20.29 2.52 11.41
C ASP A 320 21.73 3.01 11.24
N ALA A 321 22.54 2.29 10.47
CA ALA A 321 23.93 2.64 10.26
C ALA A 321 24.14 3.72 9.20
N GLN A 322 23.11 4.10 8.44
CA GLN A 322 23.28 5.18 7.47
C GLN A 322 23.15 6.53 8.17
N GLY B 7 -13.23 5.95 -11.13
CA GLY B 7 -12.58 7.09 -11.75
C GLY B 7 -11.58 7.80 -10.85
N ALA B 8 -12.02 8.89 -10.22
CA ALA B 8 -11.16 9.68 -9.36
C ALA B 8 -11.12 9.12 -7.95
N LYS B 9 -10.07 9.50 -7.21
CA LYS B 9 -9.88 9.13 -5.81
C LYS B 9 -11.02 9.63 -4.93
N ARG B 10 -11.80 8.71 -4.36
CA ARG B 10 -13.06 9.01 -3.71
C ARG B 10 -13.11 8.37 -2.33
N HIS B 11 -13.69 9.09 -1.37
CA HIS B 11 -13.83 8.57 -0.01
C HIS B 11 -15.25 8.05 0.25
ZN ZN C . 9.37 23.84 -14.22
C1 MYR D . -4.17 9.46 -0.86
O1 MYR D . -4.64 8.68 -0.09
C2 MYR D . -2.81 10.10 -0.60
C3 MYR D . -2.80 11.01 0.63
C4 MYR D . -1.45 11.71 0.81
C5 MYR D . -1.28 12.31 2.20
C6 MYR D . -0.14 13.32 2.25
C7 MYR D . 0.35 13.59 3.67
C8 MYR D . 1.72 14.26 3.63
C9 MYR D . 2.71 13.63 4.62
C10 MYR D . 3.54 12.52 3.95
C11 MYR D . 5.04 12.68 4.14
C12 MYR D . 5.75 11.33 4.15
C13 MYR D . 6.13 10.82 2.76
C14 MYR D . 7.63 10.60 2.59
#